data_6BHQ
#
_entry.id   6BHQ
#
_cell.length_a   67.735
_cell.length_b   73.399
_cell.length_c   118.408
_cell.angle_alpha   90.00
_cell.angle_beta   90.00
_cell.angle_gamma   90.00
#
_symmetry.space_group_name_H-M   'P 21 21 21'
#
loop_
_entity.id
_entity.type
_entity.pdbx_description
1 polymer 'Igh protein'
2 branched beta-D-galactopyranose-(1-4)-2-acetamido-2-deoxy-beta-D-glucopyranose-(1-2)-alpha-D-mannopyranose-(1-6)-[alpha-D-mannopyranose-(1-3)]beta-D-mannopyranose-(1-4)-2-acetamido-2-deoxy-beta-D-glucopyranose-(1-4)-[beta-L-fucopyranose-(1-6)]2-acetamido-2-deoxy-beta-D-glucopyranose
3 non-polymer GLYCEROL
4 water water
#
_entity_poly.entity_id   1
_entity_poly.type   'polypeptide(L)'
_entity_poly.pdbx_seq_one_letter_code
;KECPPCAAPDLLGGPSVFIFPPKIKDVLMISLSPMVTCVVVDVSEDDPDVQISWFVNNVEVHTAQTQTHREDYNSTLRVV
SALPIQHQDWMSGKEFKCKVNNRALPSPIEKTISKPRGPVRAPQVYVLPPPAEEMTKKEFSLTCMITGFLPAEIAVDWTS
NGRTEQNYKNTATVLDSDGSYFMYSKLRVQKSTWERGSLFACSVVHEGLHNHLTTKTISRSLGK
;
_entity_poly.pdbx_strand_id   A,B
#
loop_
_chem_comp.id
_chem_comp.type
_chem_comp.name
_chem_comp.formula
BMA D-saccharide, beta linking beta-D-mannopyranose 'C6 H12 O6'
FUL L-saccharide, beta linking beta-L-fucopyranose 'C6 H12 O5'
GAL D-saccharide, beta linking beta-D-galactopyranose 'C6 H12 O6'
GOL non-polymer GLYCEROL 'C3 H8 O3'
MAN D-saccharide, alpha linking alpha-D-mannopyranose 'C6 H12 O6'
NAG D-saccharide, beta linking 2-acetamido-2-deoxy-beta-D-glucopyranose 'C8 H15 N O6'
#
# COMPACT_ATOMS: atom_id res chain seq x y z
N GLY A 13 1.15 32.35 -4.04
CA GLY A 13 2.32 31.70 -3.36
C GLY A 13 2.64 32.28 -1.98
N GLY A 14 2.03 31.70 -0.94
CA GLY A 14 2.15 32.18 0.45
C GLY A 14 2.01 30.97 1.36
N PRO A 15 1.81 31.16 2.66
CA PRO A 15 1.79 29.96 3.48
C PRO A 15 0.59 29.01 3.29
N SER A 16 0.81 27.73 3.53
CA SER A 16 -0.32 26.81 3.59
C SER A 16 -0.16 25.87 4.78
N VAL A 17 -1.27 25.19 5.11
CA VAL A 17 -1.50 24.55 6.39
C VAL A 17 -2.02 23.11 6.18
N PHE A 18 -1.35 22.18 6.85
CA PHE A 18 -1.78 20.76 6.89
C PHE A 18 -2.00 20.35 8.34
N ILE A 19 -3.06 19.56 8.57
CA ILE A 19 -3.31 19.09 9.94
C ILE A 19 -3.12 17.53 9.93
N PHE A 20 -2.57 17.01 11.00
CA PHE A 20 -2.24 15.61 11.14
C PHE A 20 -2.81 14.96 12.40
N PRO A 21 -3.32 13.71 12.29
CA PRO A 21 -3.88 13.00 13.41
C PRO A 21 -2.79 12.42 14.36
N PRO A 22 -3.17 11.98 15.56
CA PRO A 22 -2.25 11.25 16.40
C PRO A 22 -1.91 9.90 15.82
N LYS A 23 -0.73 9.36 16.18
CA LYS A 23 -0.44 7.96 15.80
C LYS A 23 -1.44 7.04 16.53
N ILE A 24 -1.94 6.03 15.82
CA ILE A 24 -2.98 5.17 16.39
C ILE A 24 -2.48 4.42 17.67
N LYS A 25 -1.20 4.08 17.67
CA LYS A 25 -0.55 3.50 18.77
C LYS A 25 -0.60 4.42 19.99
N ASP A 26 -0.36 5.72 19.82
CA ASP A 26 -0.35 6.68 20.94
C ASP A 26 -1.71 7.01 21.59
N VAL A 27 -2.79 6.96 20.79
CA VAL A 27 -4.15 7.07 21.35
C VAL A 27 -4.66 5.75 21.92
N LEU A 28 -4.28 4.59 21.38
CA LEU A 28 -4.81 3.29 21.91
C LEU A 28 -4.12 2.78 23.17
N MET A 29 -2.86 3.17 23.41
CA MET A 29 -2.05 2.76 24.59
C MET A 29 -1.99 3.93 25.56
N ILE A 30 -2.70 3.81 26.71
CA ILE A 30 -2.89 4.94 27.66
C ILE A 30 -1.60 5.56 28.20
N SER A 31 -0.52 4.79 28.20
CA SER A 31 0.74 5.27 28.69
C SER A 31 1.50 6.22 27.71
N LEU A 32 1.15 6.20 26.42
CA LEU A 32 1.87 7.02 25.41
C LEU A 32 1.22 8.40 25.29
N SER A 33 1.83 9.34 24.54
CA SER A 33 1.36 10.76 24.49
C SER A 33 0.87 11.11 23.07
N PRO A 34 -0.45 11.00 22.83
CA PRO A 34 -0.85 11.35 21.45
C PRO A 34 -0.93 12.85 21.28
N MET A 35 -0.74 13.30 20.03
CA MET A 35 -0.86 14.71 19.65
C MET A 35 -1.52 14.90 18.30
N VAL A 36 -2.21 16.03 18.15
CA VAL A 36 -2.69 16.51 16.88
C VAL A 36 -1.73 17.59 16.46
N THR A 37 -1.26 17.52 15.23
CA THR A 37 -0.26 18.49 14.75
C THR A 37 -0.74 19.38 13.60
N CYS A 38 -0.44 20.66 13.70
CA CYS A 38 -0.68 21.60 12.62
C CYS A 38 0.67 22.05 12.06
N VAL A 39 0.86 21.93 10.76
CA VAL A 39 2.14 22.29 10.15
C VAL A 39 1.90 23.45 9.17
N VAL A 40 2.57 24.59 9.36
CA VAL A 40 2.52 25.66 8.37
C VAL A 40 3.79 25.68 7.52
N VAL A 41 3.64 25.51 6.22
CA VAL A 41 4.73 25.51 5.25
C VAL A 41 4.79 26.81 4.47
N ASP A 42 5.94 27.13 3.90
CA ASP A 42 6.19 28.38 3.11
C ASP A 42 5.97 29.68 3.89
N VAL A 43 6.34 29.70 5.16
CA VAL A 43 6.35 30.90 5.91
C VAL A 43 7.65 31.60 5.45
N SER A 44 7.50 32.85 5.07
CA SER A 44 8.59 33.75 4.68
C SER A 44 9.51 34.17 5.86
N GLU A 45 10.81 34.29 5.56
CA GLU A 45 11.73 35.05 6.46
C GLU A 45 11.28 36.52 6.72
N ASP A 46 10.55 37.12 5.79
CA ASP A 46 10.08 38.51 5.97
C ASP A 46 8.89 38.65 6.93
N ASP A 47 8.14 37.55 7.17
CA ASP A 47 6.95 37.55 8.05
C ASP A 47 6.97 36.28 8.87
N PRO A 48 7.94 36.16 9.78
CA PRO A 48 8.14 34.84 10.44
C PRO A 48 7.17 34.56 11.61
N ASP A 49 6.56 35.59 12.17
CA ASP A 49 5.70 35.49 13.36
C ASP A 49 4.36 34.80 12.90
N VAL A 50 4.19 33.53 13.35
CA VAL A 50 2.93 32.75 13.07
C VAL A 50 2.19 32.47 14.41
N GLN A 51 0.96 32.91 14.55
CA GLN A 51 0.17 32.48 15.72
C GLN A 51 -0.79 31.33 15.32
N ILE A 52 -0.61 30.18 15.97
CA ILE A 52 -1.53 29.08 15.79
C ILE A 52 -2.43 29.02 17.05
N SER A 53 -3.74 29.07 16.84
CA SER A 53 -4.67 28.76 17.95
C SER A 53 -5.44 27.43 17.72
N TRP A 54 -5.79 26.82 18.85
CA TRP A 54 -6.31 25.49 18.96
C TRP A 54 -7.64 25.45 19.77
N PHE A 55 -8.57 24.67 19.24
CA PHE A 55 -9.91 24.51 19.75
C PHE A 55 -10.29 23.03 19.76
N VAL A 56 -10.92 22.60 20.85
CA VAL A 56 -11.45 21.25 21.02
C VAL A 56 -12.94 21.31 21.19
N ASN A 57 -13.69 20.76 20.21
CA ASN A 57 -15.13 21.05 20.10
C ASN A 57 -15.47 22.55 20.31
N ASN A 58 -14.72 23.38 19.58
CA ASN A 58 -14.92 24.81 19.45
C ASN A 58 -14.72 25.65 20.73
N VAL A 59 -14.15 25.01 21.79
CA VAL A 59 -13.67 25.69 22.95
C VAL A 59 -12.11 25.84 22.79
N GLU A 60 -11.63 27.07 22.81
CA GLU A 60 -10.20 27.39 22.68
C GLU A 60 -9.40 26.74 23.80
N VAL A 61 -8.22 26.23 23.45
CA VAL A 61 -7.28 25.63 24.34
C VAL A 61 -5.89 26.29 24.01
N HIS A 62 -5.04 26.29 25.01
CA HIS A 62 -3.88 27.20 25.09
C HIS A 62 -2.58 26.52 25.42
N THR A 63 -2.55 25.19 25.34
CA THR A 63 -1.42 24.37 25.76
C THR A 63 -0.56 23.84 24.58
N ALA A 64 -0.75 24.39 23.37
CA ALA A 64 0.07 23.86 22.23
C ALA A 64 1.54 24.35 22.26
N GLN A 65 2.47 23.40 22.08
CA GLN A 65 3.90 23.69 21.80
C GLN A 65 4.12 23.92 20.29
N THR A 66 4.49 25.17 19.95
CA THR A 66 4.63 25.73 18.61
C THR A 66 6.08 26.17 18.35
N GLN A 67 6.81 25.52 17.47
CA GLN A 67 8.18 25.97 17.14
C GLN A 67 8.40 26.06 15.63
N THR A 68 9.40 26.89 15.26
CA THR A 68 9.71 27.28 13.88
C THR A 68 11.00 26.57 13.44
N HIS A 69 11.07 26.18 12.19
CA HIS A 69 12.20 25.47 11.68
C HIS A 69 12.57 26.12 10.36
N ARG A 70 13.86 26.25 10.10
CA ARG A 70 14.35 26.88 8.86
C ARG A 70 14.48 25.76 7.90
N GLU A 71 13.92 25.90 6.71
CA GLU A 71 13.90 24.86 5.73
C GLU A 71 14.85 25.20 4.55
N ASP A 72 16.07 24.64 4.61
CA ASP A 72 17.17 25.06 3.70
C ASP A 72 17.01 24.67 2.25
N TYR A 73 16.31 23.60 1.98
CA TYR A 73 15.98 23.23 0.61
C TYR A 73 15.51 24.38 -0.27
N ASN A 74 14.75 25.35 0.27
CA ASN A 74 14.13 26.38 -0.56
C ASN A 74 13.94 27.69 0.08
N SER A 75 14.80 28.03 1.06
CA SER A 75 14.78 29.23 1.84
C SER A 75 13.43 29.65 2.51
N THR A 76 12.67 28.67 2.98
CA THR A 76 11.43 28.90 3.76
C THR A 76 11.51 28.54 5.24
N LEU A 77 10.54 29.05 6.01
CA LEU A 77 10.30 28.57 7.35
C LEU A 77 9.07 27.58 7.38
N ARG A 78 9.11 26.70 8.37
CA ARG A 78 8.09 25.73 8.68
C ARG A 78 7.79 25.87 10.19
N VAL A 79 6.52 26.14 10.51
CA VAL A 79 5.99 26.25 11.91
C VAL A 79 5.20 24.99 12.27
N VAL A 80 5.61 24.29 13.32
CA VAL A 80 4.99 23.04 13.73
C VAL A 80 4.35 23.28 15.07
N SER A 81 3.04 23.03 15.19
CA SER A 81 2.35 23.15 16.49
C SER A 81 1.73 21.78 16.83
N ALA A 82 2.17 21.25 17.96
CA ALA A 82 1.76 19.94 18.40
C ALA A 82 0.87 20.12 19.63
N LEU A 83 -0.45 19.91 19.50
CA LEU A 83 -1.40 19.89 20.66
C LEU A 83 -1.43 18.53 21.33
N PRO A 84 -1.01 18.44 22.61
CA PRO A 84 -1.17 17.13 23.25
C PRO A 84 -2.67 16.96 23.60
N ILE A 85 -3.20 15.74 23.50
CA ILE A 85 -4.62 15.53 23.68
C ILE A 85 -4.91 14.33 24.59
N GLN A 86 -6.13 14.31 25.07
CA GLN A 86 -6.63 13.18 25.81
C GLN A 86 -7.01 12.11 24.84
N HIS A 87 -6.59 10.89 25.17
CA HIS A 87 -6.82 9.68 24.41
C HIS A 87 -8.32 9.53 24.15
N GLN A 88 -9.14 9.73 25.20
CA GLN A 88 -10.58 9.59 25.03
C GLN A 88 -11.24 10.74 24.22
N ASP A 89 -10.63 11.94 24.21
CA ASP A 89 -11.20 13.01 23.34
C ASP A 89 -11.00 12.66 21.85
N TRP A 90 -9.94 11.95 21.53
CA TRP A 90 -9.83 11.46 20.15
C TRP A 90 -10.84 10.33 19.93
N MET A 91 -10.92 9.34 20.83
CA MET A 91 -11.76 8.14 20.61
C MET A 91 -13.26 8.41 20.55
N SER A 92 -13.72 9.43 21.27
CA SER A 92 -15.10 9.80 21.28
C SER A 92 -15.54 10.76 20.18
N GLY A 93 -14.66 11.08 19.21
CA GLY A 93 -14.99 11.87 18.00
C GLY A 93 -15.03 13.39 18.18
N LYS A 94 -14.38 13.92 19.21
CA LYS A 94 -14.22 15.36 19.30
C LYS A 94 -13.44 15.92 18.12
N GLU A 95 -13.78 17.14 17.76
CA GLU A 95 -13.19 17.85 16.63
C GLU A 95 -12.01 18.76 17.11
N PHE A 96 -10.90 18.72 16.38
CA PHE A 96 -9.66 19.45 16.75
C PHE A 96 -9.38 20.39 15.59
N LYS A 97 -9.34 21.66 15.89
CA LYS A 97 -9.22 22.67 14.87
C LYS A 97 -7.99 23.54 15.24
N CYS A 98 -7.20 23.91 14.22
CA CYS A 98 -6.07 24.84 14.44
C CYS A 98 -6.43 26.00 13.61
N LYS A 99 -6.09 27.16 14.10
CA LYS A 99 -6.38 28.39 13.39
C LYS A 99 -5.07 29.12 13.29
N VAL A 100 -4.64 29.44 12.08
CA VAL A 100 -3.30 30.02 11.95
C VAL A 100 -3.37 31.46 11.49
N ASN A 101 -2.67 32.32 12.24
CA ASN A 101 -2.52 33.76 12.00
C ASN A 101 -1.10 34.20 11.60
N ASN A 102 -1.03 35.06 10.60
CA ASN A 102 0.22 35.53 10.05
C ASN A 102 -0.06 36.73 9.17
N ARG A 103 0.84 37.72 9.24
CA ARG A 103 0.70 39.02 8.54
C ARG A 103 0.72 38.87 6.99
N ALA A 104 1.29 37.79 6.45
CA ALA A 104 1.16 37.48 5.01
C ALA A 104 -0.23 36.95 4.59
N LEU A 105 -1.11 36.66 5.56
CA LEU A 105 -2.41 36.06 5.27
C LEU A 105 -3.53 37.10 5.28
N PRO A 106 -4.27 37.22 4.17
CA PRO A 106 -5.50 38.06 4.10
C PRO A 106 -6.47 37.81 5.26
N SER A 107 -6.67 36.53 5.58
CA SER A 107 -7.48 36.10 6.72
C SER A 107 -6.97 34.72 7.22
N PRO A 108 -7.37 34.34 8.45
CA PRO A 108 -6.78 33.13 8.99
C PRO A 108 -7.09 31.88 8.14
N ILE A 109 -6.22 30.91 8.22
CA ILE A 109 -6.46 29.57 7.68
C ILE A 109 -6.82 28.66 8.85
N GLU A 110 -7.87 27.87 8.64
CA GLU A 110 -8.42 26.93 9.62
C GLU A 110 -8.46 25.53 9.02
N LYS A 111 -8.11 24.56 9.84
CA LYS A 111 -8.08 23.19 9.48
C LYS A 111 -8.66 22.48 10.66
N THR A 112 -9.41 21.44 10.35
CA THR A 112 -10.10 20.67 11.33
C THR A 112 -9.83 19.17 11.11
N ILE A 113 -9.71 18.44 12.23
CA ILE A 113 -9.60 16.97 12.12
C ILE A 113 -10.33 16.28 13.28
N SER A 114 -10.81 15.07 12.99
CA SER A 114 -11.47 14.18 13.97
C SER A 114 -11.37 12.72 13.55
N LYS A 115 -11.53 11.82 14.52
CA LYS A 115 -11.61 10.40 14.24
C LYS A 115 -12.95 10.11 13.58
N PRO A 116 -12.92 9.59 12.34
CA PRO A 116 -14.20 9.43 11.70
C PRO A 116 -15.04 8.34 12.34
N ARG A 117 -16.33 8.62 12.30
CA ARG A 117 -17.38 7.73 12.74
C ARG A 117 -17.49 6.54 11.77
N GLY A 118 -17.50 5.31 12.31
CA GLY A 118 -17.63 4.17 11.47
C GLY A 118 -17.57 2.85 12.21
N PRO A 119 -17.32 1.78 11.45
CA PRO A 119 -17.38 0.48 12.11
C PRO A 119 -16.14 0.06 12.82
N VAL A 120 -16.34 -0.87 13.76
CA VAL A 120 -15.21 -1.46 14.50
C VAL A 120 -15.24 -2.97 14.48
N ARG A 121 -14.09 -3.54 14.15
CA ARG A 121 -13.95 -4.97 14.14
C ARG A 121 -12.52 -5.41 14.34
N ALA A 122 -12.32 -6.31 15.31
CA ALA A 122 -10.96 -6.74 15.72
C ALA A 122 -10.35 -7.60 14.64
N PRO A 123 -9.02 -7.49 14.43
CA PRO A 123 -8.26 -8.41 13.57
C PRO A 123 -8.08 -9.82 14.17
N GLN A 124 -8.11 -10.82 13.29
CA GLN A 124 -7.61 -12.16 13.54
C GLN A 124 -6.09 -12.10 13.27
N VAL A 125 -5.28 -12.57 14.24
CA VAL A 125 -3.83 -12.59 14.11
C VAL A 125 -3.19 -13.99 14.20
N TYR A 126 -2.42 -14.38 13.19
CA TYR A 126 -1.65 -15.63 13.23
C TYR A 126 -0.17 -15.36 12.90
N VAL A 127 0.74 -15.99 13.62
CA VAL A 127 2.14 -15.99 13.24
C VAL A 127 2.47 -17.34 12.63
N LEU A 128 3.18 -17.34 11.50
CA LEU A 128 3.40 -18.52 10.70
C LEU A 128 4.88 -18.76 10.64
N PRO A 129 5.30 -20.07 10.75
CA PRO A 129 6.71 -20.38 10.72
C PRO A 129 7.28 -20.19 9.33
N PRO A 130 8.61 -20.25 9.19
CA PRO A 130 9.12 -20.07 7.81
C PRO A 130 8.67 -21.19 6.90
N PRO A 131 8.57 -20.94 5.59
CA PRO A 131 8.38 -22.00 4.58
C PRO A 131 9.35 -23.15 4.74
N ALA A 132 8.89 -24.39 4.57
CA ALA A 132 9.85 -25.53 4.54
C ALA A 132 10.97 -25.36 3.57
N GLU A 133 10.65 -24.81 2.41
CA GLU A 133 11.66 -24.65 1.34
C GLU A 133 12.67 -23.48 1.54
N GLU A 134 12.51 -22.60 2.54
CA GLU A 134 13.47 -21.50 2.91
C GLU A 134 14.53 -22.01 3.96
N MET A 135 14.30 -23.18 4.54
CA MET A 135 15.18 -23.66 5.58
C MET A 135 16.62 -24.08 5.11
N THR A 136 16.92 -24.02 3.80
CA THR A 136 18.34 -24.16 3.35
C THR A 136 19.12 -22.82 3.40
N LYS A 137 18.46 -21.73 3.81
CA LYS A 137 19.05 -20.38 3.81
C LYS A 137 19.74 -20.00 5.16
N LYS A 138 20.55 -18.94 5.12
CA LYS A 138 21.22 -18.36 6.33
C LYS A 138 20.19 -17.58 7.20
N GLU A 139 19.05 -17.26 6.59
CA GLU A 139 18.01 -16.51 7.28
C GLU A 139 16.65 -16.85 6.70
N PHE A 140 15.65 -16.70 7.54
CA PHE A 140 14.31 -17.20 7.39
C PHE A 140 13.33 -16.03 7.58
N SER A 141 12.12 -16.17 7.06
CA SER A 141 11.04 -15.22 7.21
C SER A 141 9.92 -15.79 8.03
N LEU A 142 9.56 -15.11 9.11
CA LEU A 142 8.35 -15.33 9.86
C LEU A 142 7.25 -14.36 9.36
N THR A 143 6.00 -14.77 9.36
CA THR A 143 4.99 -14.03 8.76
C THR A 143 3.92 -13.85 9.83
N CYS A 144 3.45 -12.62 10.00
CA CYS A 144 2.31 -12.29 10.87
C CYS A 144 1.18 -11.88 10.04
N MET A 145 0.10 -12.64 10.07
CA MET A 145 -0.97 -12.51 9.16
C MET A 145 -2.08 -11.87 9.95
N ILE A 146 -2.63 -10.75 9.45
CA ILE A 146 -3.54 -9.89 10.23
C ILE A 146 -4.70 -9.54 9.37
N THR A 147 -5.88 -10.01 9.79
CA THR A 147 -7.02 -10.21 8.91
C THR A 147 -8.32 -9.68 9.54
N GLY A 148 -9.21 -9.12 8.71
CA GLY A 148 -10.57 -8.84 9.14
C GLY A 148 -10.82 -7.64 10.00
N PHE A 149 -10.02 -6.59 9.89
CA PHE A 149 -10.14 -5.46 10.80
C PHE A 149 -10.80 -4.22 10.15
N LEU A 150 -11.51 -3.47 11.00
CA LEU A 150 -12.06 -2.16 10.66
C LEU A 150 -11.92 -1.30 11.92
N PRO A 151 -11.49 -0.03 11.79
CA PRO A 151 -11.08 0.68 10.64
C PRO A 151 -9.67 0.21 10.27
N ALA A 152 -9.11 0.80 9.20
CA ALA A 152 -7.80 0.38 8.65
C ALA A 152 -6.60 0.82 9.50
N GLU A 153 -6.73 1.77 10.43
CA GLU A 153 -5.57 2.22 11.22
C GLU A 153 -5.13 1.09 12.19
N ILE A 154 -3.85 0.84 12.24
CA ILE A 154 -3.33 -0.34 12.96
C ILE A 154 -1.86 -0.08 13.16
N ALA A 155 -1.27 -0.58 14.23
CA ALA A 155 0.18 -0.66 14.33
C ALA A 155 0.62 -2.11 14.63
N VAL A 156 1.73 -2.50 14.03
CA VAL A 156 2.21 -3.90 14.10
C VAL A 156 3.70 -3.83 14.20
N ASP A 157 4.24 -4.49 15.19
CA ASP A 157 5.69 -4.66 15.29
C ASP A 157 6.06 -6.01 15.96
N TRP A 158 7.35 -6.19 16.17
CA TRP A 158 7.86 -7.47 16.59
C TRP A 158 8.85 -7.30 17.71
N THR A 159 9.09 -8.37 18.44
CA THR A 159 10.14 -8.43 19.47
C THR A 159 10.73 -9.83 19.53
N SER A 160 12.00 -9.90 19.99
CA SER A 160 12.70 -11.15 20.41
C SER A 160 13.07 -11.03 21.86
N ASN A 161 12.52 -11.90 22.69
CA ASN A 161 12.80 -11.84 24.14
C ASN A 161 12.66 -10.40 24.66
N GLY A 162 11.59 -9.71 24.26
CA GLY A 162 11.29 -8.39 24.80
C GLY A 162 12.17 -7.24 24.31
N ARG A 163 13.30 -7.55 23.65
CA ARG A 163 14.03 -6.54 22.83
C ARG A 163 13.16 -6.25 21.58
N THR A 164 13.03 -4.99 21.16
CA THR A 164 12.28 -4.67 19.93
C THR A 164 13.14 -5.08 18.76
N GLU A 165 12.55 -5.79 17.79
CA GLU A 165 13.28 -6.11 16.57
C GLU A 165 13.02 -5.01 15.54
N GLN A 166 14.03 -4.76 14.73
CA GLN A 166 13.92 -3.74 13.70
C GLN A 166 13.92 -4.36 12.30
N ASN A 167 14.31 -5.64 12.11
CA ASN A 167 14.38 -6.23 10.75
C ASN A 167 13.09 -6.89 10.23
N TYR A 168 12.01 -6.13 10.29
CA TYR A 168 10.73 -6.51 9.80
C TYR A 168 10.20 -5.45 8.82
N LYS A 169 9.20 -5.80 7.99
CA LYS A 169 8.56 -4.86 7.03
C LYS A 169 7.08 -5.19 7.03
N ASN A 170 6.23 -4.19 7.09
CA ASN A 170 4.74 -4.34 7.02
C ASN A 170 4.30 -4.04 5.60
N THR A 171 3.28 -4.72 5.10
CA THR A 171 2.68 -4.36 3.85
C THR A 171 1.71 -3.24 4.22
N ALA A 172 1.27 -2.47 3.23
CA ALA A 172 0.16 -1.56 3.43
C ALA A 172 -1.14 -2.41 3.66
N THR A 173 -2.17 -1.76 4.20
CA THR A 173 -3.45 -2.50 4.43
C THR A 173 -4.15 -2.63 3.07
N VAL A 174 -4.90 -3.71 2.93
CA VAL A 174 -5.65 -4.02 1.73
C VAL A 174 -7.11 -4.23 2.03
N LEU A 175 -7.95 -3.57 1.24
CA LEU A 175 -9.42 -3.65 1.28
C LEU A 175 -9.81 -5.02 0.77
N ASP A 176 -10.36 -5.85 1.63
CA ASP A 176 -10.76 -7.22 1.28
C ASP A 176 -12.17 -7.19 0.65
N SER A 177 -12.65 -8.33 0.17
CA SER A 177 -13.94 -8.44 -0.55
C SER A 177 -15.17 -8.24 0.35
N ASP A 178 -14.99 -8.48 1.64
CA ASP A 178 -16.04 -8.16 2.62
C ASP A 178 -16.00 -6.72 3.16
N GLY A 179 -15.12 -5.86 2.69
CA GLY A 179 -15.04 -4.55 3.31
C GLY A 179 -14.16 -4.42 4.52
N SER A 180 -13.66 -5.50 5.08
CA SER A 180 -12.59 -5.33 6.09
C SER A 180 -11.22 -5.19 5.41
N TYR A 181 -10.22 -4.92 6.23
CA TYR A 181 -8.84 -4.79 5.82
C TYR A 181 -7.97 -5.96 6.30
N PHE A 182 -6.89 -6.24 5.54
CA PHE A 182 -5.86 -7.20 5.92
C PHE A 182 -4.50 -6.66 5.62
N MET A 183 -3.48 -7.28 6.22
CA MET A 183 -2.12 -6.91 6.03
C MET A 183 -1.18 -8.01 6.48
N TYR A 184 0.11 -7.96 6.09
CA TYR A 184 0.99 -8.94 6.59
C TYR A 184 2.16 -8.16 7.12
N SER A 185 2.91 -8.74 8.09
CA SER A 185 4.24 -8.27 8.46
C SER A 185 5.22 -9.47 8.34
N LYS A 186 6.37 -9.25 7.73
CA LYS A 186 7.40 -10.24 7.53
C LYS A 186 8.61 -9.85 8.40
N LEU A 187 9.00 -10.71 9.32
CA LEU A 187 10.27 -10.58 10.05
C LEU A 187 11.41 -11.52 9.56
N ARG A 188 12.58 -10.97 9.36
CA ARG A 188 13.80 -11.71 8.98
C ARG A 188 14.48 -12.17 10.24
N VAL A 189 14.81 -13.45 10.31
CA VAL A 189 15.38 -14.10 11.48
C VAL A 189 16.62 -14.83 10.97
N GLN A 190 17.74 -14.61 11.65
CA GLN A 190 18.98 -15.34 11.44
C GLN A 190 18.78 -16.78 11.86
N LYS A 191 19.29 -17.69 11.02
CA LYS A 191 19.25 -19.15 11.30
C LYS A 191 19.61 -19.52 12.74
N SER A 192 20.74 -19.04 13.24
CA SER A 192 21.22 -19.41 14.57
C SER A 192 20.25 -18.97 15.69
N THR A 193 19.60 -17.80 15.52
CA THR A 193 18.65 -17.30 16.50
C THR A 193 17.44 -18.19 16.60
N TRP A 194 16.91 -18.56 15.44
CA TRP A 194 15.78 -19.48 15.32
C TRP A 194 16.12 -20.83 15.97
N GLU A 195 17.24 -21.41 15.57
CA GLU A 195 17.68 -22.73 16.12
C GLU A 195 17.95 -22.85 17.64
N ARG A 196 18.52 -21.81 18.26
CA ARG A 196 18.75 -21.84 19.71
C ARG A 196 17.49 -21.60 20.50
N GLY A 197 16.34 -21.48 19.83
CA GLY A 197 15.03 -21.44 20.50
C GLY A 197 14.58 -20.07 21.00
N SER A 198 15.10 -18.98 20.44
CA SER A 198 14.56 -17.64 20.72
C SER A 198 13.03 -17.44 20.34
N LEU A 199 12.35 -16.69 21.23
CA LEU A 199 10.92 -16.45 21.15
C LEU A 199 10.70 -15.15 20.35
N PHE A 200 9.90 -15.25 19.31
CA PHE A 200 9.61 -14.14 18.44
C PHE A 200 8.16 -13.76 18.62
N ALA A 201 7.86 -12.47 18.87
CA ALA A 201 6.45 -12.06 19.07
C ALA A 201 6.02 -10.96 18.10
N CYS A 202 4.87 -11.19 17.49
CA CYS A 202 4.21 -10.21 16.61
C CYS A 202 3.18 -9.51 17.48
N SER A 203 3.36 -8.21 17.69
CA SER A 203 2.40 -7.41 18.47
C SER A 203 1.61 -6.42 17.58
N VAL A 204 0.32 -6.45 17.77
CA VAL A 204 -0.69 -5.77 16.96
C VAL A 204 -1.58 -4.92 17.86
N VAL A 205 -1.73 -3.62 17.50
CA VAL A 205 -2.47 -2.66 18.28
C VAL A 205 -3.56 -2.16 17.37
N HIS A 206 -4.78 -2.39 17.81
CA HIS A 206 -5.99 -2.03 17.05
C HIS A 206 -7.11 -1.73 18.03
N GLU A 207 -7.97 -0.76 17.72
CA GLU A 207 -9.07 -0.40 18.66
C GLU A 207 -10.14 -1.50 18.86
N GLY A 208 -10.24 -2.42 17.93
CA GLY A 208 -11.13 -3.56 18.06
C GLY A 208 -10.73 -4.60 19.14
N LEU A 209 -9.46 -4.66 19.48
CA LEU A 209 -8.93 -5.73 20.32
C LEU A 209 -9.19 -5.38 21.79
N HIS A 210 -9.78 -6.32 22.53
CA HIS A 210 -9.82 -6.24 23.98
C HIS A 210 -8.43 -5.82 24.53
N ASN A 211 -8.45 -4.76 25.35
CA ASN A 211 -7.24 -4.00 25.73
C ASN A 211 -6.37 -3.45 24.59
N HIS A 212 -6.96 -3.25 23.43
CA HIS A 212 -6.29 -2.63 22.25
C HIS A 212 -5.01 -3.36 21.79
N LEU A 213 -4.85 -4.63 22.18
CA LEU A 213 -3.58 -5.31 21.96
C LEU A 213 -3.75 -6.83 21.93
N THR A 214 -3.01 -7.43 21.01
CA THR A 214 -2.81 -8.85 21.01
C THR A 214 -1.32 -9.00 20.65
N THR A 215 -0.73 -10.11 21.10
CA THR A 215 0.67 -10.46 20.89
C THR A 215 0.67 -11.97 20.69
N LYS A 216 1.25 -12.41 19.59
CA LYS A 216 1.33 -13.80 19.23
C LYS A 216 2.79 -14.20 19.15
N THR A 217 3.11 -15.36 19.68
CA THR A 217 4.47 -15.81 19.75
C THR A 217 4.75 -17.07 18.99
N ILE A 218 5.99 -17.25 18.59
CA ILE A 218 6.39 -18.42 17.86
C ILE A 218 7.88 -18.70 18.08
N SER A 219 8.27 -19.94 17.88
CA SER A 219 9.64 -20.32 18.00
C SER A 219 9.79 -21.75 17.60
N ARG A 220 10.96 -22.28 17.90
CA ARG A 220 11.32 -23.67 17.73
C ARG A 220 12.23 -23.90 16.56
N PRO B 15 -7.21 21.01 -21.32
CA PRO B 15 -7.20 19.68 -20.68
C PRO B 15 -5.85 19.19 -20.12
N SER B 16 -5.83 17.98 -19.57
CA SER B 16 -4.59 17.33 -19.08
C SER B 16 -4.68 15.80 -19.18
N VAL B 17 -3.66 15.17 -19.73
CA VAL B 17 -3.72 13.75 -20.08
C VAL B 17 -2.95 12.88 -19.10
N PHE B 18 -3.40 11.64 -18.95
CA PHE B 18 -2.64 10.63 -18.17
C PHE B 18 -2.39 9.33 -18.95
N ILE B 19 -1.13 8.94 -19.02
CA ILE B 19 -0.71 7.75 -19.76
C ILE B 19 -0.44 6.60 -18.79
N PHE B 20 -0.99 5.42 -19.09
CA PHE B 20 -0.83 4.19 -18.29
C PHE B 20 -0.13 3.02 -19.01
N PRO B 21 0.63 2.20 -18.25
CA PRO B 21 1.43 1.12 -18.82
C PRO B 21 0.56 -0.06 -19.10
N PRO B 22 1.07 -1.05 -19.85
CA PRO B 22 0.29 -2.27 -20.00
C PRO B 22 0.36 -3.03 -18.62
N LYS B 23 -0.50 -4.01 -18.40
CA LYS B 23 -0.30 -4.94 -17.26
C LYS B 23 0.91 -5.84 -17.50
N ILE B 24 1.72 -6.01 -16.45
CA ILE B 24 2.93 -6.75 -16.55
C ILE B 24 2.62 -8.18 -16.97
N LYS B 25 1.52 -8.75 -16.55
CA LYS B 25 1.23 -10.12 -16.98
C LYS B 25 0.95 -10.19 -18.50
N ASP B 26 0.27 -9.18 -19.05
CA ASP B 26 0.01 -9.10 -20.50
C ASP B 26 1.31 -8.99 -21.34
N VAL B 27 2.32 -8.23 -20.90
CA VAL B 27 3.57 -8.09 -21.65
C VAL B 27 4.47 -9.33 -21.48
N LEU B 28 4.39 -10.01 -20.36
CA LEU B 28 5.26 -11.19 -20.18
C LEU B 28 4.65 -12.48 -20.77
N MET B 29 3.35 -12.51 -20.96
CA MET B 29 2.66 -13.70 -21.51
C MET B 29 2.34 -13.50 -22.96
N ILE B 30 3.02 -14.22 -23.89
CA ILE B 30 2.86 -13.96 -25.35
C ILE B 30 1.44 -14.26 -25.80
N SER B 31 0.72 -15.12 -25.11
CA SER B 31 -0.71 -15.38 -25.44
C SER B 31 -1.60 -14.18 -25.14
N LEU B 32 -1.14 -13.20 -24.35
CA LEU B 32 -1.98 -12.04 -23.98
C LEU B 32 -1.70 -10.82 -24.86
N SER B 33 -2.59 -9.83 -24.74
CA SER B 33 -2.63 -8.59 -25.52
C SER B 33 -2.29 -7.30 -24.79
N PRO B 34 -0.99 -6.95 -24.66
CA PRO B 34 -0.68 -5.76 -23.89
C PRO B 34 -1.08 -4.48 -24.56
N MET B 35 -1.41 -3.45 -23.76
CA MET B 35 -1.82 -2.16 -24.29
C MET B 35 -1.32 -0.96 -23.52
N VAL B 36 -0.97 0.08 -24.24
CA VAL B 36 -0.63 1.35 -23.59
C VAL B 36 -1.98 2.14 -23.74
N THR B 37 -2.40 2.83 -22.68
CA THR B 37 -3.69 3.54 -22.63
C THR B 37 -3.49 5.00 -22.30
N CYS B 38 -4.17 5.85 -23.08
CA CYS B 38 -4.11 7.30 -22.94
C CYS B 38 -5.53 7.74 -22.56
N VAL B 39 -5.67 8.28 -21.36
CA VAL B 39 -6.97 8.81 -20.84
C VAL B 39 -6.82 10.34 -20.76
N VAL B 40 -7.60 11.07 -21.55
CA VAL B 40 -7.45 12.55 -21.61
C VAL B 40 -8.57 13.22 -20.77
N VAL B 41 -8.22 14.11 -19.83
CA VAL B 41 -9.27 14.83 -19.06
C VAL B 41 -9.48 16.30 -19.51
N ASP B 42 -10.75 16.63 -19.86
CA ASP B 42 -11.33 18.00 -20.14
C ASP B 42 -11.45 18.38 -21.63
N GLU B 45 -17.97 18.10 -23.36
CA GLU B 45 -19.25 18.28 -24.06
C GLU B 45 -19.15 19.44 -25.02
N ASP B 46 -18.46 20.46 -24.57
CA ASP B 46 -18.25 21.62 -25.36
C ASP B 46 -17.99 21.13 -26.73
N ASP B 47 -16.81 20.52 -26.92
CA ASP B 47 -16.42 19.98 -28.21
C ASP B 47 -15.96 18.53 -28.09
N PRO B 48 -16.58 17.63 -28.93
CA PRO B 48 -16.12 16.25 -28.79
C PRO B 48 -15.11 15.87 -29.86
N ASP B 49 -14.56 16.88 -30.55
CA ASP B 49 -13.58 16.65 -31.60
C ASP B 49 -12.16 16.63 -31.04
N VAL B 50 -11.70 15.44 -30.66
CA VAL B 50 -10.36 15.28 -30.10
C VAL B 50 -9.65 14.08 -30.72
N GLN B 51 -8.61 14.36 -31.50
CA GLN B 51 -7.84 13.30 -32.15
C GLN B 51 -6.65 12.88 -31.30
N ILE B 52 -6.38 11.58 -31.27
CA ILE B 52 -5.27 11.04 -30.48
C ILE B 52 -4.30 10.27 -31.36
N SER B 53 -3.13 10.84 -31.59
CA SER B 53 -2.12 10.20 -32.41
C SER B 53 -1.20 9.47 -31.42
N TRP B 54 -0.46 8.48 -31.91
CA TRP B 54 0.36 7.56 -31.14
C TRP B 54 1.73 7.28 -31.78
N PHE B 55 2.79 7.19 -30.99
CA PHE B 55 4.15 7.03 -31.54
C PHE B 55 4.93 6.01 -30.70
N VAL B 56 5.73 5.19 -31.39
CA VAL B 56 6.61 4.21 -30.72
C VAL B 56 7.99 4.61 -31.17
N ASN B 57 8.84 4.94 -30.20
CA ASN B 57 10.12 5.56 -30.50
C ASN B 57 10.07 6.63 -31.57
N ASN B 58 9.04 7.45 -31.50
CA ASN B 58 8.82 8.53 -32.46
C ASN B 58 8.44 8.10 -33.89
N VAL B 59 8.04 6.85 -34.11
CA VAL B 59 7.42 6.52 -35.36
C VAL B 59 5.92 6.32 -35.13
N GLU B 60 5.14 7.13 -35.86
CA GLU B 60 3.70 7.14 -35.76
C GLU B 60 3.12 5.78 -36.07
N VAL B 61 2.16 5.36 -35.24
CA VAL B 61 1.45 4.13 -35.39
C VAL B 61 -0.09 4.50 -35.47
N HIS B 62 -0.84 3.69 -36.24
CA HIS B 62 -2.24 3.97 -36.59
C HIS B 62 -3.19 2.87 -36.17
N THR B 63 -2.76 2.03 -35.23
CA THR B 63 -3.54 0.86 -34.85
C THR B 63 -4.34 1.01 -33.58
N ALA B 64 -4.32 2.16 -32.93
CA ALA B 64 -5.08 2.35 -31.68
C ALA B 64 -6.61 2.30 -31.89
N GLN B 65 -7.29 1.93 -30.81
CA GLN B 65 -8.77 1.94 -30.69
C GLN B 65 -9.14 3.09 -29.76
N THR B 66 -10.04 3.94 -30.24
CA THR B 66 -10.50 5.02 -29.43
C THR B 66 -12.02 5.02 -29.45
N GLN B 67 -12.62 5.06 -28.28
CA GLN B 67 -14.05 5.07 -28.10
C GLN B 67 -14.27 6.27 -27.24
N THR B 68 -15.40 6.95 -27.37
CA THR B 68 -15.60 8.17 -26.59
C THR B 68 -16.38 8.07 -25.27
N HIS B 69 -16.08 8.99 -24.35
CA HIS B 69 -16.75 9.01 -23.05
C HIS B 69 -17.19 10.38 -22.54
N ARG B 70 -18.45 10.72 -22.77
CA ARG B 70 -18.87 12.00 -22.21
C ARG B 70 -19.22 11.87 -20.73
N GLU B 71 -18.48 12.57 -19.88
CA GLU B 71 -18.72 12.53 -18.44
C GLU B 71 -19.68 13.64 -18.02
N ASP B 72 -20.60 13.29 -17.13
CA ASP B 72 -21.59 14.26 -16.64
C ASP B 72 -21.07 14.99 -15.41
N TYR B 73 -20.31 14.28 -14.57
CA TYR B 73 -19.75 14.86 -13.36
C TYR B 73 -19.15 16.23 -13.63
N LEU B 77 -15.70 15.66 -19.82
CA LEU B 77 -15.40 14.43 -20.55
C LEU B 77 -13.99 13.90 -20.30
N ARG B 78 -13.83 12.61 -20.64
CA ARG B 78 -12.52 11.91 -20.74
C ARG B 78 -12.60 10.94 -21.94
N VAL B 79 -11.69 11.08 -22.90
CA VAL B 79 -11.55 10.13 -24.04
C VAL B 79 -10.41 9.10 -23.76
N VAL B 80 -10.66 7.84 -24.18
CA VAL B 80 -9.80 6.68 -23.90
C VAL B 80 -9.35 5.99 -25.19
N SER B 81 -8.04 6.05 -25.47
CA SER B 81 -7.42 5.45 -26.66
C SER B 81 -6.43 4.38 -26.20
N ALA B 82 -6.59 3.15 -26.69
CA ALA B 82 -5.78 2.00 -26.27
C ALA B 82 -4.95 1.47 -27.46
N LEU B 83 -3.61 1.59 -27.35
CA LEU B 83 -2.66 1.13 -28.35
C LEU B 83 -2.21 -0.30 -28.01
N PRO B 84 -2.61 -1.30 -28.81
CA PRO B 84 -2.00 -2.62 -28.63
C PRO B 84 -0.53 -2.56 -29.02
N ILE B 85 0.32 -3.18 -28.22
CA ILE B 85 1.74 -3.08 -28.34
C ILE B 85 2.39 -4.45 -28.50
N GLN B 86 3.58 -4.45 -29.06
CA GLN B 86 4.37 -5.70 -29.18
C GLN B 86 5.01 -5.91 -27.81
N HIS B 87 4.98 -7.12 -27.32
CA HIS B 87 5.45 -7.42 -26.01
C HIS B 87 6.92 -6.98 -25.85
N GLN B 88 7.74 -7.25 -26.87
CA GLN B 88 9.15 -6.99 -26.78
C GLN B 88 9.50 -5.51 -26.89
N ASP B 89 8.64 -4.72 -27.55
CA ASP B 89 8.85 -3.27 -27.54
C ASP B 89 8.83 -2.69 -26.10
N TRP B 90 7.90 -3.15 -25.29
CA TRP B 90 7.81 -2.71 -23.87
C TRP B 90 9.04 -3.22 -23.16
N MET B 91 9.30 -4.51 -23.26
CA MET B 91 10.48 -5.12 -22.56
C MET B 91 11.80 -4.56 -22.91
N SER B 92 12.01 -4.10 -24.15
CA SER B 92 13.33 -3.61 -24.52
C SER B 92 13.43 -2.12 -24.15
N GLY B 93 12.37 -1.52 -23.67
CA GLY B 93 12.39 -0.13 -23.26
C GLY B 93 12.03 1.01 -24.19
N LYS B 94 11.31 0.72 -25.28
CA LYS B 94 10.91 1.76 -26.21
C LYS B 94 9.94 2.71 -25.57
N GLU B 95 9.86 4.19 -26.03
CA GLU B 95 8.67 4.72 -25.43
C GLU B 95 7.56 4.93 -26.41
N PHE B 96 6.64 4.92 -25.62
CA PHE B 96 5.34 5.04 -26.19
C PHE B 96 4.76 6.41 -25.86
N LYS B 97 4.23 7.07 -26.86
CA LYS B 97 3.69 8.41 -26.71
C LYS B 97 2.36 8.65 -27.40
N CYS B 98 1.49 9.35 -26.69
CA CYS B 98 0.19 9.74 -27.19
C CYS B 98 0.09 11.26 -27.28
N LYS B 99 -0.23 11.77 -28.47
CA LYS B 99 -0.43 13.21 -28.74
C LYS B 99 -1.92 13.41 -28.98
N VAL B 100 -2.51 14.25 -28.16
CA VAL B 100 -3.94 14.50 -28.16
C VAL B 100 -4.43 15.86 -28.70
N ASN B 101 -5.50 15.85 -29.50
CA ASN B 101 -6.05 17.08 -30.09
C ASN B 101 -7.56 17.31 -29.99
N ASN B 102 -7.91 18.57 -29.77
CA ASN B 102 -9.28 19.10 -29.64
C ASN B 102 -9.23 20.60 -29.34
N PRO B 106 -6.20 24.40 -26.99
CA PRO B 106 -4.95 25.15 -27.01
C PRO B 106 -3.91 24.55 -27.98
N SER B 107 -2.62 24.52 -27.63
CA SER B 107 -1.63 23.60 -28.25
C SER B 107 -1.83 22.20 -27.63
N PRO B 108 -1.41 21.13 -28.35
CA PRO B 108 -1.79 19.77 -27.93
C PRO B 108 -0.90 19.19 -26.81
N ILE B 109 -1.45 18.22 -26.06
CA ILE B 109 -0.74 17.61 -24.93
C ILE B 109 0.00 16.30 -25.31
N GLU B 110 1.27 16.24 -24.94
CA GLU B 110 2.07 15.08 -25.16
C GLU B 110 2.03 14.25 -23.87
N LYS B 111 2.47 13.01 -23.95
CA LYS B 111 2.51 12.12 -22.78
C LYS B 111 3.25 10.88 -23.19
N THR B 112 4.34 10.64 -22.49
CA THR B 112 5.28 9.59 -22.74
C THR B 112 5.27 8.47 -21.67
N ILE B 113 5.88 7.33 -22.00
CA ILE B 113 5.98 6.20 -21.08
C ILE B 113 6.85 5.05 -21.58
N SER B 114 7.60 4.44 -20.70
CA SER B 114 8.46 3.33 -21.03
C SER B 114 8.87 2.53 -19.80
N LYS B 115 9.47 1.37 -20.01
CA LYS B 115 9.93 0.53 -18.94
C LYS B 115 11.35 0.90 -18.79
N PRO B 116 11.75 1.39 -17.60
CA PRO B 116 13.12 1.71 -17.43
C PRO B 116 13.98 0.47 -17.32
N ARG B 117 15.28 0.64 -17.53
CA ARG B 117 16.22 -0.47 -17.44
C ARG B 117 16.77 -0.63 -16.02
N GLY B 118 17.25 -1.82 -15.69
CA GLY B 118 17.80 -2.09 -14.37
C GLY B 118 17.90 -3.57 -14.07
N PRO B 119 18.50 -3.92 -12.93
CA PRO B 119 18.64 -5.36 -12.55
C PRO B 119 17.33 -6.22 -12.41
N VAL B 120 17.50 -7.54 -12.52
CA VAL B 120 16.40 -8.49 -12.46
C VAL B 120 16.81 -9.49 -11.43
N ARG B 121 15.93 -9.79 -10.48
CA ARG B 121 16.14 -10.92 -9.54
C ARG B 121 14.84 -11.69 -9.55
N ALA B 122 14.92 -12.99 -9.69
CA ALA B 122 13.77 -13.88 -9.71
C ALA B 122 13.04 -13.95 -8.34
N PRO B 123 11.70 -13.96 -8.34
CA PRO B 123 11.03 -14.16 -7.04
C PRO B 123 11.22 -15.54 -6.50
N GLN B 124 11.33 -15.67 -5.17
CA GLN B 124 11.15 -16.97 -4.48
C GLN B 124 9.70 -17.04 -4.04
N VAL B 125 9.07 -18.18 -4.25
CA VAL B 125 7.63 -18.36 -4.05
C VAL B 125 7.35 -19.49 -3.11
N TYR B 126 6.46 -19.25 -2.16
CA TYR B 126 6.19 -20.21 -1.06
C TYR B 126 4.72 -20.19 -0.71
N VAL B 127 4.02 -21.30 -0.72
CA VAL B 127 2.65 -21.31 -0.17
C VAL B 127 2.73 -21.75 1.30
N LEU B 128 2.16 -20.99 2.22
CA LEU B 128 2.32 -21.30 3.66
C LEU B 128 1.17 -22.21 4.18
N PRO B 129 1.52 -23.27 4.96
CA PRO B 129 0.39 -24.14 5.40
C PRO B 129 -0.54 -23.34 6.34
N PRO B 130 -1.82 -23.52 6.26
CA PRO B 130 -2.68 -22.74 7.14
C PRO B 130 -2.81 -23.31 8.52
N PRO B 131 -3.10 -22.42 9.54
CA PRO B 131 -3.24 -23.04 10.86
C PRO B 131 -4.34 -24.09 10.86
N ALA B 132 -4.38 -24.91 11.90
CA ALA B 132 -5.38 -25.96 11.99
C ALA B 132 -6.66 -25.35 12.45
N GLU B 133 -6.53 -24.40 13.34
CA GLU B 133 -7.63 -23.68 13.89
C GLU B 133 -8.40 -22.91 12.83
N GLU B 134 -7.86 -22.83 11.63
CA GLU B 134 -8.54 -22.13 10.56
C GLU B 134 -9.19 -23.13 9.65
N MET B 135 -8.61 -24.30 9.51
CA MET B 135 -9.21 -25.33 8.70
C MET B 135 -10.52 -25.76 9.34
N THR B 136 -10.70 -25.41 10.61
CA THR B 136 -12.01 -25.56 11.34
C THR B 136 -13.20 -24.75 10.72
N LYS B 137 -12.94 -23.52 10.28
CA LYS B 137 -13.97 -22.60 9.79
C LYS B 137 -14.54 -23.03 8.41
N LYS B 138 -15.81 -22.64 8.13
CA LYS B 138 -16.46 -22.93 6.81
C LYS B 138 -15.67 -22.31 5.64
N GLU B 139 -14.87 -21.30 5.92
CA GLU B 139 -14.01 -20.73 4.89
C GLU B 139 -12.80 -20.12 5.57
N PHE B 140 -11.63 -20.28 4.93
CA PHE B 140 -10.35 -19.81 5.51
C PHE B 140 -9.39 -19.34 4.41
N SER B 141 -8.27 -18.77 4.79
CA SER B 141 -7.37 -18.16 3.81
C SER B 141 -6.09 -18.95 3.57
N LEU B 142 -5.70 -19.14 2.31
CA LEU B 142 -4.35 -19.64 1.96
C LEU B 142 -3.47 -18.45 1.54
N THR B 143 -2.30 -18.40 2.10
CA THR B 143 -1.31 -17.38 1.82
C THR B 143 -0.12 -17.84 0.97
N CYS B 144 0.18 -17.05 -0.07
CA CYS B 144 1.35 -17.23 -0.86
C CYS B 144 2.30 -16.05 -0.53
N MET B 145 3.55 -16.35 -0.17
CA MET B 145 4.58 -15.30 0.12
C MET B 145 5.56 -15.28 -1.02
N ILE B 146 5.86 -14.08 -1.53
CA ILE B 146 6.72 -13.94 -2.69
C ILE B 146 7.73 -12.90 -2.35
N THR B 147 9.01 -13.26 -2.48
CA THR B 147 10.10 -12.57 -1.89
C THR B 147 11.32 -12.40 -2.91
N GLY B 148 12.15 -11.37 -2.72
CA GLY B 148 13.49 -11.28 -3.36
C GLY B 148 13.50 -10.81 -4.83
N PHE B 149 12.42 -10.16 -5.28
CA PHE B 149 12.32 -9.89 -6.71
C PHE B 149 12.61 -8.41 -7.03
N LEU B 150 13.15 -8.24 -8.25
CA LEU B 150 13.46 -6.97 -8.86
C LEU B 150 13.31 -7.15 -10.40
N PRO B 151 12.70 -6.17 -11.09
CA PRO B 151 12.02 -4.97 -10.57
C PRO B 151 10.68 -5.39 -9.83
N ALA B 152 9.98 -4.36 -9.33
CA ALA B 152 8.87 -4.51 -8.46
C ALA B 152 7.60 -4.98 -9.18
N GLU B 153 7.54 -4.86 -10.51
CA GLU B 153 6.33 -5.27 -11.26
C GLU B 153 6.17 -6.76 -11.30
N ILE B 154 4.97 -7.26 -10.99
CA ILE B 154 4.79 -8.71 -10.81
C ILE B 154 3.32 -8.98 -10.86
N ALA B 155 2.93 -10.16 -11.26
CA ALA B 155 1.51 -10.57 -11.26
C ALA B 155 1.39 -11.92 -10.51
N VAL B 156 0.36 -12.03 -9.74
CA VAL B 156 0.22 -13.20 -8.84
C VAL B 156 -1.24 -13.49 -8.94
N ASP B 157 -1.58 -14.72 -9.32
CA ASP B 157 -2.98 -15.15 -9.24
C ASP B 157 -3.05 -16.66 -8.78
N TRP B 158 -4.23 -17.26 -8.73
CA TRP B 158 -4.38 -18.59 -8.16
C TRP B 158 -5.26 -19.45 -9.02
N THR B 159 -5.07 -20.75 -8.84
CA THR B 159 -5.91 -21.75 -9.44
C THR B 159 -6.34 -22.85 -8.46
N SER B 160 -7.40 -23.58 -8.88
CA SER B 160 -7.86 -24.75 -8.16
C SER B 160 -8.04 -25.85 -9.17
N ASN B 161 -7.27 -26.92 -8.99
CA ASN B 161 -7.14 -28.03 -9.92
C ASN B 161 -6.94 -27.55 -11.32
N GLY B 162 -6.01 -26.61 -11.44
CA GLY B 162 -5.62 -25.99 -12.71
C GLY B 162 -6.60 -24.99 -13.33
N ARG B 163 -7.82 -24.87 -12.76
CA ARG B 163 -8.82 -23.83 -13.16
C ARG B 163 -8.57 -22.46 -12.47
N THR B 164 -8.68 -21.39 -13.25
CA THR B 164 -8.58 -20.03 -12.72
C THR B 164 -9.50 -19.80 -11.51
N GLU B 165 -8.88 -19.30 -10.46
CA GLU B 165 -9.51 -18.89 -9.23
C GLU B 165 -9.46 -17.34 -9.07
N GLN B 166 -10.48 -16.76 -8.47
CA GLN B 166 -10.65 -15.31 -8.41
C GLN B 166 -10.88 -14.77 -6.99
N ASN B 167 -11.21 -15.58 -5.99
CA ASN B 167 -11.48 -15.02 -4.68
C ASN B 167 -10.17 -14.79 -3.87
N TYR B 168 -9.26 -14.00 -4.46
CA TYR B 168 -8.01 -13.67 -3.79
C TYR B 168 -7.80 -12.16 -3.84
N LYS B 169 -6.91 -11.69 -2.98
CA LYS B 169 -6.42 -10.36 -2.91
C LYS B 169 -4.84 -10.38 -2.75
N ASN B 170 -4.20 -9.49 -3.45
CA ASN B 170 -2.77 -9.22 -3.32
C ASN B 170 -2.49 -7.97 -2.52
N THR B 171 -1.42 -8.03 -1.75
CA THR B 171 -0.85 -6.80 -1.15
C THR B 171 -0.13 -6.09 -2.28
N ALA B 172 0.08 -4.81 -2.11
CA ALA B 172 1.10 -4.07 -2.85
C ALA B 172 2.53 -4.61 -2.55
N THR B 173 3.45 -4.37 -3.43
CA THR B 173 4.84 -4.85 -3.23
C THR B 173 5.47 -3.91 -2.23
N VAL B 174 6.38 -4.41 -1.46
CA VAL B 174 7.06 -3.60 -0.46
C VAL B 174 8.60 -3.70 -0.68
N LEU B 175 9.28 -2.58 -0.56
CA LEU B 175 10.71 -2.46 -0.70
C LEU B 175 11.34 -3.06 0.53
N ASP B 176 12.03 -4.16 0.38
CA ASP B 176 12.71 -4.85 1.48
C ASP B 176 14.09 -4.21 1.76
N SER B 177 14.76 -4.64 2.82
CA SER B 177 16.04 -4.06 3.23
C SER B 177 17.19 -4.29 2.21
N ASP B 178 17.26 -5.45 1.55
CA ASP B 178 18.31 -5.71 0.55
C ASP B 178 18.05 -5.10 -0.85
N GLY B 179 17.05 -4.22 -0.98
CA GLY B 179 16.72 -3.59 -2.25
C GLY B 179 15.84 -4.41 -3.20
N SER B 180 15.50 -5.64 -2.83
CA SER B 180 14.51 -6.40 -3.56
C SER B 180 13.12 -6.11 -3.01
N TYR B 181 12.07 -6.66 -3.65
CA TYR B 181 10.69 -6.47 -3.19
C TYR B 181 10.06 -7.75 -2.75
N PHE B 182 9.02 -7.62 -1.91
CA PHE B 182 8.19 -8.74 -1.52
C PHE B 182 6.70 -8.40 -1.52
N MET B 183 5.86 -9.41 -1.57
CA MET B 183 4.41 -9.23 -1.43
C MET B 183 3.83 -10.57 -1.00
N TYR B 184 2.55 -10.55 -0.57
CA TYR B 184 1.79 -11.71 -0.25
C TYR B 184 0.51 -11.74 -1.06
N SER B 185 0.02 -12.94 -1.31
CA SER B 185 -1.27 -13.10 -1.94
C SER B 185 -2.09 -14.01 -1.04
N LYS B 186 -3.37 -13.66 -0.89
CA LYS B 186 -4.32 -14.39 0.00
C LYS B 186 -5.49 -14.86 -0.77
N LEU B 187 -5.70 -16.17 -0.75
CA LEU B 187 -6.83 -16.80 -1.42
C LEU B 187 -7.85 -17.34 -0.38
N ARG B 188 -9.11 -17.02 -0.61
CA ARG B 188 -10.20 -17.58 0.21
C ARG B 188 -10.59 -18.90 -0.33
N VAL B 189 -10.75 -19.88 0.55
CA VAL B 189 -11.16 -21.24 0.14
C VAL B 189 -12.30 -21.80 1.00
N GLN B 190 -13.10 -22.61 0.36
CA GLN B 190 -14.23 -23.28 1.00
C GLN B 190 -13.67 -24.51 1.70
N LYS B 191 -13.90 -24.58 3.01
CA LYS B 191 -13.57 -25.83 3.76
C LYS B 191 -14.10 -27.09 3.09
N SER B 192 -15.25 -27.03 2.44
CA SER B 192 -15.72 -28.16 1.64
C SER B 192 -14.84 -28.48 0.40
N THR B 193 -14.34 -27.49 -0.34
CA THR B 193 -13.54 -27.74 -1.58
C THR B 193 -12.16 -28.35 -1.20
N TRP B 194 -11.63 -27.93 -0.04
CA TRP B 194 -10.33 -28.37 0.49
C TRP B 194 -10.43 -29.86 0.80
N GLU B 195 -11.36 -30.20 1.69
CA GLU B 195 -11.56 -31.57 2.18
C GLU B 195 -11.91 -32.59 1.06
N ARG B 196 -12.38 -32.14 -0.09
CA ARG B 196 -12.48 -33.01 -1.29
C ARG B 196 -11.16 -33.12 -2.12
N GLY B 197 -10.02 -32.69 -1.57
CA GLY B 197 -8.69 -32.89 -2.23
C GLY B 197 -8.28 -32.03 -3.42
N SER B 198 -8.92 -30.88 -3.57
CA SER B 198 -8.56 -29.91 -4.60
C SER B 198 -7.13 -29.39 -4.36
N LEU B 199 -6.30 -29.43 -5.41
CA LEU B 199 -4.98 -28.86 -5.46
C LEU B 199 -5.11 -27.32 -5.67
N PHE B 200 -4.55 -26.53 -4.76
CA PHE B 200 -4.49 -25.08 -4.92
C PHE B 200 -3.11 -24.62 -5.28
N ALA B 201 -3.02 -23.76 -6.30
CA ALA B 201 -1.75 -23.21 -6.68
C ALA B 201 -1.68 -21.69 -6.78
N CYS B 202 -0.58 -21.15 -6.28
CA CYS B 202 -0.09 -19.75 -6.43
C CYS B 202 0.71 -19.66 -7.74
N SER B 203 0.28 -18.85 -8.70
CA SER B 203 0.90 -18.71 -10.00
C SER B 203 1.42 -17.30 -10.17
N VAL B 204 2.73 -17.19 -10.41
CA VAL B 204 3.50 -15.94 -10.31
C VAL B 204 4.18 -15.69 -11.64
N VAL B 205 3.99 -14.50 -12.18
CA VAL B 205 4.55 -14.07 -13.43
C VAL B 205 5.48 -12.88 -13.19
N HIS B 206 6.72 -13.05 -13.60
CA HIS B 206 7.73 -12.06 -13.42
C HIS B 206 8.80 -12.28 -14.45
N GLU B 207 9.44 -11.20 -14.88
CA GLU B 207 10.45 -11.29 -15.87
C GLU B 207 11.72 -12.09 -15.56
N GLY B 208 11.95 -12.39 -14.30
CA GLY B 208 13.11 -13.18 -13.95
C GLY B 208 12.89 -14.67 -13.86
N LEU B 209 11.71 -15.16 -14.19
CA LEU B 209 11.42 -16.56 -14.10
C LEU B 209 11.41 -17.37 -15.40
N HIS B 210 11.68 -18.66 -15.30
CA HIS B 210 11.60 -19.54 -16.46
C HIS B 210 10.23 -19.48 -17.14
N ASN B 211 10.24 -19.23 -18.45
CA ASN B 211 9.03 -18.99 -19.21
C ASN B 211 8.09 -17.90 -18.56
N HIS B 212 8.70 -17.05 -17.73
CA HIS B 212 8.08 -15.92 -17.06
C HIS B 212 7.02 -16.31 -15.98
N LEU B 213 7.01 -17.58 -15.62
CA LEU B 213 6.04 -18.10 -14.72
C LEU B 213 6.51 -19.21 -13.79
N THR B 214 5.89 -19.29 -12.61
CA THR B 214 6.18 -20.32 -11.66
C THR B 214 5.01 -20.49 -10.72
N THR B 215 4.80 -21.71 -10.24
CA THR B 215 3.71 -22.00 -9.33
C THR B 215 4.09 -22.83 -8.14
N LYS B 216 3.31 -22.71 -7.11
CA LYS B 216 3.48 -23.54 -5.94
C LYS B 216 2.11 -24.05 -5.54
N THR B 217 2.06 -25.31 -5.18
CA THR B 217 0.88 -26.03 -4.91
C THR B 217 0.81 -26.50 -3.43
N ILE B 218 -0.40 -26.50 -2.90
CA ILE B 218 -0.71 -27.05 -1.59
C ILE B 218 -2.09 -27.72 -1.66
N SER B 219 -2.31 -28.68 -0.78
CA SER B 219 -3.63 -29.34 -0.56
C SER B 219 -3.78 -29.90 0.90
N ARG B 220 -4.97 -30.42 1.20
CA ARG B 220 -5.26 -31.20 2.40
C ARG B 220 -4.22 -32.32 2.50
N SER B 221 -4.03 -33.01 1.37
CA SER B 221 -3.09 -34.10 1.18
C SER B 221 -1.66 -33.80 1.62
C1 NAG C . 9.85 24.11 0.32
C2 NAG C . 8.60 23.78 -0.42
C3 NAG C . 7.62 23.12 0.51
C4 NAG C . 8.24 21.82 1.08
C5 NAG C . 9.64 22.06 1.64
C6 NAG C . 10.47 20.80 1.87
C7 NAG C . 8.21 25.57 -2.00
C8 NAG C . 7.59 26.92 -2.21
N2 NAG C . 8.09 25.05 -0.78
O3 NAG C . 6.35 22.97 -0.13
O4 NAG C . 7.42 21.38 2.17
O5 NAG C . 10.38 22.86 0.73
O6 NAG C . 9.78 19.71 1.26
O7 NAG C . 8.75 24.95 -2.90
C1 NAG C . 6.51 20.33 1.80
C2 NAG C . 5.96 19.59 3.03
C3 NAG C . 4.93 18.56 2.63
C4 NAG C . 3.77 19.19 1.82
C5 NAG C . 4.28 20.14 0.72
C6 NAG C . 3.17 21.11 0.33
C7 NAG C . 7.68 19.39 4.79
C8 NAG C . 8.86 18.59 5.23
N2 NAG C . 7.09 18.95 3.67
O3 NAG C . 4.46 17.92 3.80
O4 NAG C . 3.03 18.19 1.10
O5 NAG C . 5.49 20.90 1.01
O6 NAG C . 3.38 21.49 -1.05
O7 NAG C . 7.35 20.40 5.39
C1 BMA C . 1.89 17.65 1.77
C2 BMA C . 0.93 17.09 0.74
C3 BMA C . -0.25 16.47 1.44
C4 BMA C . 0.25 15.35 2.32
C5 BMA C . 1.31 15.84 3.30
C6 BMA C . 1.98 14.67 4.03
O2 BMA C . 1.59 16.12 -0.08
O3 BMA C . -1.18 15.96 0.47
O4 BMA C . -0.85 14.94 3.12
O5 BMA C . 2.32 16.59 2.62
O6 BMA C . 3.00 15.25 4.89
C1 MAN C . 3.73 14.33 5.69
C2 MAN C . 4.60 15.09 6.68
C3 MAN C . 5.88 15.67 6.11
C4 MAN C . 6.67 14.53 5.48
C5 MAN C . 5.80 13.88 4.42
C6 MAN C . 6.52 12.67 3.90
O2 MAN C . 5.10 14.19 7.68
O3 MAN C . 6.66 16.31 7.14
O4 MAN C . 7.87 14.98 4.83
O5 MAN C . 4.53 13.44 4.89
O6 MAN C . 5.74 12.23 2.77
C1 NAG C . 4.18 13.95 8.73
C2 NAG C . 4.48 12.57 9.31
C3 NAG C . 3.62 12.30 10.54
C4 NAG C . 3.57 13.52 11.45
C5 NAG C . 3.21 14.80 10.66
C6 NAG C . 3.22 16.03 11.52
C7 NAG C . 5.38 10.95 7.67
C8 NAG C . 5.17 9.92 6.61
N2 NAG C . 4.30 11.53 8.26
O3 NAG C . 4.26 11.20 11.15
O4 NAG C . 2.54 13.36 12.42
O5 NAG C . 4.20 15.00 9.70
O6 NAG C . 4.42 16.08 12.24
O7 NAG C . 6.53 11.25 8.01
C1 GAL C . 2.93 13.61 13.78
C2 GAL C . 1.70 13.46 14.74
C3 GAL C . 2.17 13.36 16.22
C4 GAL C . 3.33 12.42 16.36
C5 GAL C . 4.45 12.94 15.45
C6 GAL C . 5.85 12.31 15.73
O2 GAL C . 0.67 14.53 14.65
O3 GAL C . 1.08 12.98 17.10
O4 GAL C . 2.89 11.10 15.97
O5 GAL C . 3.99 12.71 14.11
O6 GAL C . 6.76 12.49 14.62
C1 MAN C . -2.59 16.16 0.79
C2 MAN C . -3.46 15.10 0.04
C3 MAN C . -3.30 15.28 -1.47
C4 MAN C . -3.48 16.75 -1.88
C5 MAN C . -2.81 17.78 -0.94
C6 MAN C . -3.23 19.21 -1.25
O2 MAN C . -4.87 15.18 0.39
O3 MAN C . -4.22 14.49 -2.21
O4 MAN C . -2.89 16.84 -3.16
O5 MAN C . -3.05 17.47 0.44
O6 MAN C . -4.00 19.78 -0.16
C1 FUL C . 10.35 18.42 0.96
C2 FUL C . 11.87 18.52 0.85
O2 FUL C . 12.48 18.69 2.11
C3 FUL C . 12.43 17.27 0.30
O3 FUL C . 13.85 17.44 0.29
C4 FUL C . 11.86 17.14 -1.09
O4 FUL C . 12.32 18.25 -1.81
C5 FUL C . 10.32 17.12 -1.14
C6 FUL C . 9.81 17.37 -2.56
O5 FUL C . 9.70 18.04 -0.25
C1 NAG D . -14.28 15.80 -13.59
C2 NAG D . -12.86 16.13 -13.08
C3 NAG D . -11.87 15.07 -13.56
C4 NAG D . -12.27 13.73 -12.94
C5 NAG D . -13.75 13.43 -13.25
C6 NAG D . -14.26 12.15 -12.53
C7 NAG D . -12.70 18.53 -12.68
C8 NAG D . -12.13 19.84 -13.14
N2 NAG D . -12.40 17.47 -13.43
O3 NAG D . -10.55 15.47 -13.17
O4 NAG D . -11.46 12.62 -13.40
O5 NAG D . -14.63 14.55 -12.98
O6 NAG D . -13.45 11.61 -11.47
O7 NAG D . -13.39 18.44 -11.69
C1 NAG D . -10.34 12.34 -12.53
C2 NAG D . -9.66 11.02 -12.88
C3 NAG D . -8.58 10.80 -11.83
C4 NAG D . -7.56 11.92 -12.06
C5 NAG D . -8.23 13.26 -11.76
C6 NAG D . -7.36 14.49 -12.04
C7 NAG D . -11.12 9.45 -14.07
C8 NAG D . -11.99 8.22 -14.00
N2 NAG D . -10.54 9.86 -12.95
O3 NAG D . -8.03 9.46 -11.89
O4 NAG D . -6.39 11.68 -11.25
O5 NAG D . -9.38 13.40 -12.60
O6 NAG D . -6.06 14.31 -11.48
O7 NAG D . -10.99 10.03 -15.14
C1 BMA D . -5.48 10.76 -11.90
C2 BMA D . -4.08 11.40 -12.00
C3 BMA D . -2.98 10.61 -11.30
C4 BMA D . -3.29 9.12 -11.03
C5 BMA D . -4.52 8.59 -11.75
C6 BMA D . -4.82 7.10 -11.48
O2 BMA D . -4.05 12.74 -11.50
O3 BMA D . -2.67 11.40 -10.16
O4 BMA D . -2.18 8.34 -11.46
O5 BMA D . -5.53 9.47 -11.30
O6 BMA D . -5.76 6.65 -12.48
C1 MAN D . -6.39 5.35 -12.30
C2 MAN D . -7.43 5.11 -13.43
C3 MAN D . -8.80 5.76 -13.20
C4 MAN D . -9.27 5.67 -11.76
C5 MAN D . -8.15 5.97 -10.78
C6 MAN D . -8.65 5.86 -9.33
O2 MAN D . -7.65 3.71 -13.59
O3 MAN D . -9.81 5.14 -14.01
O4 MAN D . -10.36 6.59 -11.56
O5 MAN D . -7.02 5.12 -11.04
O6 MAN D . -7.55 5.89 -8.40
C1 NAG D . -6.78 3.10 -14.58
C2 NAG D . -6.75 1.61 -14.28
C3 NAG D . -5.81 0.92 -15.27
C4 NAG D . -6.30 1.08 -16.71
C5 NAG D . -6.47 2.60 -17.02
C6 NAG D . -7.14 2.97 -18.35
C7 NAG D . -7.15 0.53 -12.10
C8 NAG D . -6.69 0.33 -10.69
N2 NAG D . -6.41 1.36 -12.88
O3 NAG D . -5.66 -0.46 -14.94
O4 NAG D . -5.25 0.44 -17.48
O5 NAG D . -7.19 3.28 -15.95
O6 NAG D . -8.10 2.01 -18.81
O7 NAG D . -8.15 -0.05 -12.52
C1 GAL D . -5.62 -0.28 -18.68
C2 GAL D . -4.32 -0.86 -19.33
C3 GAL D . -4.60 -1.80 -20.49
C4 GAL D . -5.62 -2.88 -20.12
C5 GAL D . -6.91 -2.23 -19.50
C6 GAL D . -7.90 -3.31 -18.99
O2 GAL D . -3.36 0.10 -19.89
O3 GAL D . -3.31 -2.30 -20.75
O4 GAL D . -4.98 -3.80 -19.22
O5 GAL D . -6.62 -1.29 -18.43
O6 GAL D . -9.10 -2.73 -18.40
C1 MAN D . -1.51 10.91 -9.43
C2 MAN D . -1.40 11.73 -8.13
C3 MAN D . -0.39 12.90 -8.16
C4 MAN D . 0.62 13.00 -9.34
C5 MAN D . 0.32 12.15 -10.58
C6 MAN D . 1.64 11.87 -11.34
O2 MAN D . -1.19 10.79 -7.06
O3 MAN D . 0.38 12.90 -6.93
O4 MAN D . 0.69 14.35 -9.81
O5 MAN D . -0.27 10.89 -10.20
O6 MAN D . 2.49 10.93 -10.59
C1 FUL D . -13.60 12.24 -10.18
C2 FUL D . -12.77 11.38 -9.24
O2 FUL D . -11.43 11.87 -9.27
C3 FUL D . -13.24 11.39 -7.79
O3 FUL D . -12.56 10.34 -7.09
C4 FUL D . -14.77 11.30 -7.63
O4 FUL D . -15.14 10.05 -7.06
C5 FUL D . -15.56 11.45 -8.95
C6 FUL D . -15.75 10.18 -9.77
O5 FUL D . -14.95 12.47 -9.76
C1 GOL E . -15.27 6.11 15.44
O1 GOL E . -14.05 5.42 15.53
C2 GOL E . -16.40 5.11 15.64
O2 GOL E . -16.37 4.66 16.96
C3 GOL E . -17.69 5.89 15.49
O3 GOL E . -18.40 5.41 14.36
#